data_4P2B
#
_entry.id   4P2B
#
_cell.length_a   105.130
_cell.length_b   105.130
_cell.length_c   229.530
_cell.angle_alpha   90.00
_cell.angle_beta   90.00
_cell.angle_gamma   120.00
#
_symmetry.space_group_name_H-M   'P 32 2 1'
#
loop_
_entity.id
_entity.type
_entity.pdbx_description
1 polymer 'Glutamine aminoacyl-tRNA synthetase'
2 non-polymer 'SULFATE ION'
#
_entity_poly.entity_id   1
_entity_poly.type   'polypeptide(L)'
_entity_poly.pdbx_seq_one_letter_code
;MGSSHHHHHHSSGLVPRGSHMVNFLKQIVEEDLRTGKHKTVITRFPPEPNGFLHLGHAKSVCLNFGLAKAFGGRCHLRFD
DTNPMKEETRYIESIQRDVRWLGGDWGNHLYYASDYFQQLYDWAELLIKKGLAFVDDDSLEEIRRKRGSISQPGENSPFR
ERSIEENLDLFRRMRAGEFEEGSRVLRAKIDMTHSNMNMRDPVLYRILKKEHPRTGNQWVIYPMYDYAHGQSDSIENITH
SICTLEFDLHRILYDWFQEKLEITRTRQIEFARLNVTYTVMSKRKLLALVTEKWVDGWDDPRLPTLSGLRRRGVPPSALR
DFCDKVGVARRESTIKVEVLEKCIRDALHVVAHRRFAIQDPIAVTITNYGDKVETITAANHPEDESFGTRELHFSKKLYI
DRDDFMENPPAGYRRLAPGAEVRLKHAYWIKCVDVVKDASGLVTELLCTYDPQTKNCSVAPDGRKVKGAIHWLSEKDAVP
AEIRIFGRLFTKPNPEEEDESNPNASWRENINKESLKVYKGFVERSAADSAAFPPQSSLQFERLGFFTPDGSTLPEEADN
TKTRTLPVFNLTVALQ
;
_entity_poly.pdbx_strand_id   A
#
loop_
_chem_comp.id
_chem_comp.type
_chem_comp.name
_chem_comp.formula
SO4 non-polymer 'SULFATE ION' 'O4 S -2'
#
# COMPACT_ATOMS: atom_id res chain seq x y z
N GLY A 18 30.41 -0.31 -29.26
CA GLY A 18 29.66 -1.49 -29.69
C GLY A 18 30.07 -2.74 -28.94
N SER A 19 29.75 -3.88 -29.54
CA SER A 19 29.84 -5.20 -28.90
C SER A 19 28.91 -5.18 -27.69
N HIS A 20 27.58 -5.11 -27.90
CA HIS A 20 26.69 -4.89 -26.74
C HIS A 20 25.13 -4.95 -26.79
N MET A 21 24.54 -3.74 -26.86
CA MET A 21 23.23 -3.54 -26.25
C MET A 21 22.44 -2.26 -26.63
N VAL A 22 21.16 -2.24 -26.23
CA VAL A 22 20.20 -1.16 -26.52
C VAL A 22 18.79 -1.56 -26.05
N ASN A 23 17.95 -1.94 -27.01
CA ASN A 23 16.76 -2.73 -26.73
C ASN A 23 17.19 -4.17 -26.98
N PHE A 24 18.32 -4.52 -26.37
CA PHE A 24 18.75 -5.90 -26.20
C PHE A 24 18.06 -6.50 -24.96
N LEU A 25 16.95 -5.88 -24.57
CA LEU A 25 15.97 -6.56 -23.77
C LEU A 25 15.69 -7.83 -24.58
N LYS A 26 15.53 -7.67 -25.89
CA LYS A 26 15.24 -8.78 -26.80
C LYS A 26 16.23 -9.96 -26.71
N GLN A 27 17.52 -9.66 -26.59
CA GLN A 27 18.51 -10.73 -26.54
C GLN A 27 18.45 -11.48 -25.22
N ILE A 28 18.36 -10.75 -24.13
CA ILE A 28 18.29 -11.45 -22.87
C ILE A 28 16.96 -12.20 -22.72
N VAL A 29 15.89 -11.67 -23.35
CA VAL A 29 14.63 -12.39 -23.47
C VAL A 29 14.99 -13.72 -24.14
N GLU A 30 15.82 -13.69 -25.17
CA GLU A 30 16.21 -14.96 -25.80
C GLU A 30 17.06 -15.86 -24.89
N GLU A 31 17.91 -15.28 -24.03
CA GLU A 31 18.70 -16.13 -23.11
C GLU A 31 17.80 -16.85 -22.10
N ASP A 32 16.89 -16.13 -21.46
CA ASP A 32 15.94 -16.76 -20.52
C ASP A 32 15.05 -17.77 -21.25
N LEU A 33 14.58 -17.36 -22.44
CA LEU A 33 13.70 -18.21 -23.27
C LEU A 33 14.39 -19.54 -23.58
N ARG A 34 15.66 -19.47 -23.99
CA ARG A 34 16.42 -20.69 -24.29
C ARG A 34 16.93 -21.40 -23.02
N THR A 35 17.29 -20.63 -21.99
CA THR A 35 17.79 -21.22 -20.75
C THR A 35 16.67 -21.86 -19.92
N GLY A 36 15.56 -22.18 -20.57
CA GLY A 36 14.42 -22.80 -19.91
C GLY A 36 13.71 -23.80 -20.81
N THR A 40 7.34 -21.89 -21.77
CA THR A 40 6.82 -20.60 -21.26
C THR A 40 7.08 -20.30 -19.78
N VAL A 41 7.38 -19.05 -19.45
CA VAL A 41 7.69 -18.71 -18.07
C VAL A 41 6.45 -18.68 -17.18
N ILE A 42 6.65 -19.05 -15.93
CA ILE A 42 5.58 -19.17 -14.95
C ILE A 42 6.05 -18.66 -13.59
N THR A 43 5.53 -17.51 -13.18
CA THR A 43 5.86 -16.95 -11.87
C THR A 43 4.71 -17.18 -10.87
N ARG A 44 4.88 -16.76 -9.62
CA ARG A 44 3.74 -16.76 -8.69
C ARG A 44 3.75 -15.59 -7.72
N PHE A 45 2.59 -15.00 -7.50
CA PHE A 45 2.44 -14.10 -6.35
C PHE A 45 1.77 -14.95 -5.27
N PRO A 46 2.47 -15.19 -4.15
CA PRO A 46 2.05 -16.11 -3.09
C PRO A 46 1.82 -15.45 -1.72
N PRO A 47 0.90 -14.49 -1.60
CA PRO A 47 0.66 -13.93 -0.27
C PRO A 47 0.04 -14.95 0.70
N GLU A 48 0.26 -14.74 1.99
CA GLU A 48 -0.48 -15.50 3.00
C GLU A 48 -1.83 -14.83 3.17
N PRO A 49 -2.90 -15.62 3.18
CA PRO A 49 -4.22 -14.98 3.35
C PRO A 49 -4.53 -14.69 4.83
N ASN A 50 -3.71 -13.85 5.46
CA ASN A 50 -3.90 -13.51 6.85
C ASN A 50 -3.66 -12.04 7.10
N GLY A 51 -3.98 -11.22 6.11
CA GLY A 51 -3.73 -9.80 6.26
C GLY A 51 -3.79 -9.09 4.93
N PHE A 52 -4.30 -7.87 4.96
CA PHE A 52 -4.37 -7.04 3.77
C PHE A 52 -2.99 -6.71 3.21
N LEU A 53 -2.85 -6.84 1.89
CA LEU A 53 -1.65 -6.41 1.18
C LEU A 53 -1.25 -4.94 1.43
N HIS A 54 0.06 -4.68 1.40
CA HIS A 54 0.59 -3.31 1.44
C HIS A 54 1.55 -3.05 0.28
N LEU A 55 2.19 -1.88 0.33
CA LEU A 55 3.04 -1.39 -0.75
C LEU A 55 4.14 -2.39 -1.20
N GLY A 56 4.68 -3.13 -0.24
CA GLY A 56 5.67 -4.17 -0.52
C GLY A 56 5.15 -5.22 -1.49
N HIS A 57 3.93 -5.66 -1.23
CA HIS A 57 3.29 -6.61 -2.11
C HIS A 57 3.10 -6.04 -3.50
N ALA A 58 2.89 -4.73 -3.60
CA ALA A 58 2.85 -4.09 -4.90
C ALA A 58 4.17 -4.32 -5.63
N LYS A 59 5.30 -4.16 -4.92
CA LYS A 59 6.58 -4.46 -5.59
C LYS A 59 6.63 -5.88 -6.11
N SER A 60 6.18 -6.82 -5.28
CA SER A 60 6.20 -8.22 -5.69
C SER A 60 5.28 -8.45 -6.90
N VAL A 61 4.11 -7.82 -6.87
CA VAL A 61 3.09 -7.98 -7.89
C VAL A 61 3.57 -7.50 -9.25
N CYS A 62 4.16 -6.31 -9.27
CA CYS A 62 4.75 -5.79 -10.49
C CYS A 62 5.84 -6.75 -10.97
N LEU A 63 6.65 -7.24 -10.05
CA LEU A 63 7.71 -8.16 -10.50
C LEU A 63 7.18 -9.45 -11.11
N ASN A 64 6.26 -10.12 -10.44
CA ASN A 64 5.85 -11.45 -10.87
C ASN A 64 4.91 -11.41 -12.06
N PHE A 65 3.85 -10.61 -11.94
CA PHE A 65 2.92 -10.42 -13.06
C PHE A 65 3.63 -9.79 -14.24
N GLY A 66 4.45 -8.78 -13.93
CA GLY A 66 5.28 -8.10 -14.89
C GLY A 66 6.13 -9.03 -15.70
N LEU A 67 6.85 -9.91 -15.00
CA LEU A 67 7.73 -10.87 -15.64
C LEU A 67 6.95 -11.86 -16.49
N ALA A 68 5.89 -12.46 -15.97
CA ALA A 68 5.13 -13.37 -16.85
C ALA A 68 4.57 -12.66 -18.10
N LYS A 69 4.07 -11.44 -17.95
CA LYS A 69 3.47 -10.72 -19.09
C LYS A 69 4.55 -10.46 -20.11
N ALA A 70 5.73 -10.05 -19.64
CA ALA A 70 6.82 -9.70 -20.54
C ALA A 70 7.21 -10.87 -21.43
N PHE A 71 7.02 -12.08 -20.93
CA PHE A 71 7.41 -13.27 -21.68
C PHE A 71 6.22 -13.98 -22.28
N GLY A 72 5.04 -13.40 -22.13
CA GLY A 72 3.81 -13.99 -22.63
C GLY A 72 3.48 -15.27 -21.90
N GLY A 73 3.77 -15.28 -20.60
CA GLY A 73 3.61 -16.46 -19.78
C GLY A 73 2.43 -16.36 -18.86
N ARG A 74 2.58 -16.91 -17.67
CA ARG A 74 1.51 -17.01 -16.68
C ARG A 74 2.02 -16.79 -15.27
N CYS A 75 1.29 -16.00 -14.50
CA CYS A 75 1.63 -15.84 -13.11
C CYS A 75 0.50 -16.41 -12.26
N HIS A 76 0.80 -17.45 -11.48
CA HIS A 76 -0.16 -18.06 -10.56
C HIS A 76 -0.43 -17.16 -9.36
N LEU A 77 -1.71 -17.04 -8.98
CA LEU A 77 -2.06 -16.44 -7.70
C LEU A 77 -2.21 -17.55 -6.63
N ARG A 78 -1.26 -17.63 -5.72
CA ARG A 78 -1.23 -18.70 -4.74
C ARG A 78 -1.47 -18.12 -3.37
N PHE A 79 -2.41 -18.67 -2.64
CA PHE A 79 -2.49 -18.35 -1.21
C PHE A 79 -1.66 -19.36 -0.38
N ASP A 80 -0.72 -18.83 0.40
CA ASP A 80 0.11 -19.64 1.30
C ASP A 80 -0.62 -19.87 2.60
N ASP A 81 -1.60 -20.75 2.57
CA ASP A 81 -2.41 -21.02 3.74
C ASP A 81 -1.93 -22.32 4.39
N THR A 82 -0.65 -22.32 4.75
CA THR A 82 0.02 -23.54 5.14
C THR A 82 -0.29 -23.96 6.56
N ASN A 83 -0.94 -23.07 7.30
CA ASN A 83 -1.51 -23.42 8.60
C ASN A 83 -2.81 -22.67 8.79
N PRO A 84 -3.62 -23.06 9.81
CA PRO A 84 -4.93 -22.43 10.06
C PRO A 84 -4.87 -20.93 10.23
N MET A 85 -5.44 -20.22 9.26
CA MET A 85 -5.59 -18.77 9.30
C MET A 85 -7.06 -18.38 9.48
N LYS A 86 -7.32 -17.55 10.49
CA LYS A 86 -8.69 -17.26 10.95
C LYS A 86 -9.68 -16.87 9.84
N GLU A 87 -9.47 -15.70 9.24
CA GLU A 87 -10.41 -15.15 8.28
C GLU A 87 -9.86 -15.28 6.87
N GLU A 88 -9.51 -16.52 6.50
CA GLU A 88 -8.86 -16.78 5.23
C GLU A 88 -9.67 -16.24 4.04
N THR A 89 -10.99 -16.47 4.05
CA THR A 89 -11.78 -16.08 2.88
C THR A 89 -11.90 -14.55 2.68
N ARG A 90 -12.02 -13.83 3.77
CA ARG A 90 -11.95 -12.39 3.75
C ARG A 90 -10.67 -11.96 3.04
N TYR A 91 -9.54 -12.52 3.46
CA TYR A 91 -8.31 -12.08 2.84
C TYR A 91 -8.17 -12.54 1.39
N ILE A 92 -8.76 -13.69 1.06
CA ILE A 92 -8.76 -14.14 -0.33
C ILE A 92 -9.47 -13.12 -1.22
N GLU A 93 -10.61 -12.63 -0.74
CA GLU A 93 -11.34 -11.60 -1.46
C GLU A 93 -10.51 -10.33 -1.57
N SER A 94 -9.95 -9.91 -0.45
CA SER A 94 -9.24 -8.65 -0.41
C SER A 94 -8.04 -8.68 -1.34
N ILE A 95 -7.36 -9.82 -1.38
CA ILE A 95 -6.16 -9.97 -2.16
C ILE A 95 -6.55 -9.95 -3.63
N GLN A 96 -7.57 -10.69 -4.00
CA GLN A 96 -7.99 -10.67 -5.40
C GLN A 96 -8.34 -9.25 -5.82
N ARG A 97 -9.03 -8.53 -4.93
CA ARG A 97 -9.38 -7.14 -5.18
C ARG A 97 -8.16 -6.28 -5.44
N ASP A 98 -7.19 -6.35 -4.53
CA ASP A 98 -6.03 -5.48 -4.65
C ASP A 98 -5.16 -5.81 -5.83
N VAL A 99 -5.09 -7.09 -6.19
CA VAL A 99 -4.25 -7.52 -7.30
C VAL A 99 -4.92 -7.13 -8.61
N ARG A 100 -6.25 -7.24 -8.66
CA ARG A 100 -6.95 -6.78 -9.85
C ARG A 100 -6.76 -5.28 -10.00
N TRP A 101 -6.91 -4.57 -8.89
CA TRP A 101 -6.79 -3.12 -8.84
C TRP A 101 -5.43 -2.67 -9.33
N LEU A 102 -4.38 -3.34 -8.87
CA LEU A 102 -3.03 -3.05 -9.34
C LEU A 102 -2.86 -3.40 -10.81
N GLY A 103 -3.71 -4.29 -11.31
CA GLY A 103 -3.65 -4.67 -12.70
C GLY A 103 -2.98 -5.99 -12.98
N GLY A 104 -2.93 -6.90 -12.02
CA GLY A 104 -2.39 -8.22 -12.28
C GLY A 104 -3.43 -9.15 -12.85
N ASP A 105 -3.01 -10.02 -13.76
CA ASP A 105 -3.88 -11.05 -14.32
C ASP A 105 -3.38 -12.48 -14.04
N TRP A 106 -3.95 -13.12 -13.02
CA TRP A 106 -3.71 -14.55 -12.83
C TRP A 106 -4.66 -15.28 -13.77
N GLY A 107 -4.79 -16.60 -13.64
CA GLY A 107 -5.69 -17.28 -14.56
C GLY A 107 -7.16 -16.96 -14.34
N ASN A 108 -8.01 -17.93 -14.63
CA ASN A 108 -9.33 -17.94 -14.04
C ASN A 108 -9.27 -18.79 -12.77
N HIS A 109 -8.05 -19.19 -12.41
CA HIS A 109 -7.80 -20.24 -11.42
C HIS A 109 -7.02 -19.74 -10.20
N LEU A 110 -7.48 -20.16 -9.02
CA LEU A 110 -6.87 -19.80 -7.74
C LEU A 110 -6.04 -20.96 -7.17
N TYR A 111 -4.84 -20.68 -6.68
CA TYR A 111 -3.98 -21.74 -6.17
C TYR A 111 -3.88 -21.67 -4.66
N TYR A 112 -3.73 -22.83 -4.02
CA TYR A 112 -3.67 -22.89 -2.56
C TYR A 112 -2.60 -23.87 -2.08
N ALA A 113 -1.72 -23.41 -1.19
CA ALA A 113 -0.68 -24.25 -0.63
C ALA A 113 -1.29 -25.43 0.17
N SER A 114 -2.41 -25.19 0.83
CA SER A 114 -3.09 -26.26 1.56
C SER A 114 -3.47 -27.43 0.67
N ASP A 115 -3.67 -27.18 -0.62
CA ASP A 115 -3.92 -28.24 -1.59
C ASP A 115 -2.82 -29.28 -1.67
N TYR A 116 -1.64 -28.93 -1.15
CA TYR A 116 -0.45 -29.75 -1.30
C TYR A 116 -0.12 -30.48 0.01
N PHE A 117 -0.98 -30.30 1.02
CA PHE A 117 -0.72 -30.87 2.35
C PHE A 117 -0.23 -32.33 2.37
N GLN A 118 -0.87 -33.20 1.58
CA GLN A 118 -0.48 -34.59 1.51
C GLN A 118 0.88 -34.83 0.85
N GLN A 119 1.10 -34.20 -0.30
CA GLN A 119 2.33 -34.40 -1.05
C GLN A 119 3.49 -33.97 -0.17
N LEU A 120 3.33 -32.78 0.42
CA LEU A 120 4.30 -32.25 1.36
C LEU A 120 4.60 -33.29 2.43
N TYR A 121 3.53 -33.86 3.01
CA TYR A 121 3.73 -34.85 4.07
C TYR A 121 4.52 -36.03 3.52
N ASP A 122 4.13 -36.50 2.34
CA ASP A 122 4.83 -37.64 1.76
C ASP A 122 6.31 -37.31 1.58
N TRP A 123 6.59 -36.08 1.16
CA TRP A 123 7.98 -35.76 0.89
C TRP A 123 8.74 -35.70 2.19
N ALA A 124 8.05 -35.27 3.25
CA ALA A 124 8.70 -35.23 4.54
C ALA A 124 9.08 -36.66 4.96
N GLU A 125 8.21 -37.63 4.70
CA GLU A 125 8.54 -39.01 5.03
C GLU A 125 9.79 -39.42 4.26
N LEU A 126 9.85 -39.02 2.99
CA LEU A 126 11.02 -39.29 2.17
C LEU A 126 12.30 -38.75 2.83
N LEU A 127 12.24 -37.51 3.35
CA LEU A 127 13.39 -36.97 4.06
C LEU A 127 13.80 -37.82 5.26
N ILE A 128 12.83 -38.35 6.01
CA ILE A 128 13.20 -39.15 7.16
C ILE A 128 13.82 -40.45 6.67
N LYS A 129 13.31 -40.95 5.55
CA LYS A 129 13.79 -42.21 5.01
C LYS A 129 15.23 -42.11 4.50
N LYS A 130 15.61 -40.91 4.06
CA LYS A 130 16.96 -40.63 3.58
C LYS A 130 17.88 -40.23 4.73
N GLY A 131 17.36 -40.26 5.94
CA GLY A 131 18.12 -39.85 7.12
C GLY A 131 18.41 -38.36 7.08
N LEU A 132 17.48 -37.60 6.51
CA LEU A 132 17.66 -36.17 6.30
C LEU A 132 16.65 -35.36 7.10
N ALA A 133 15.89 -36.03 7.95
CA ALA A 133 14.94 -35.37 8.82
C ALA A 133 14.80 -36.20 10.09
N PHE A 134 14.54 -35.53 11.22
CA PHE A 134 14.35 -36.23 12.49
C PHE A 134 13.32 -35.49 13.35
N VAL A 135 12.80 -36.18 14.37
CA VAL A 135 11.86 -35.60 15.31
C VAL A 135 12.62 -35.10 16.54
N ASP A 136 12.43 -33.83 16.90
CA ASP A 136 13.07 -33.24 18.06
C ASP A 136 12.05 -33.11 19.19
N ASP A 137 12.38 -33.65 20.35
CA ASP A 137 11.51 -33.53 21.52
C ASP A 137 11.78 -32.26 22.32
N ASP A 138 12.85 -31.55 21.99
CA ASP A 138 13.22 -30.34 22.72
C ASP A 138 12.19 -29.23 22.45
N SER A 139 12.04 -28.31 23.38
CA SER A 139 11.01 -27.26 23.34
C SER A 139 11.36 -26.16 22.34
N LEU A 140 10.41 -25.26 22.08
CA LEU A 140 10.67 -24.08 21.24
C LEU A 140 11.75 -23.23 21.89
N GLU A 141 11.71 -23.17 23.22
CA GLU A 141 12.77 -22.53 24.00
C GLU A 141 14.12 -23.18 23.72
N GLU A 142 14.22 -24.47 24.07
CA GLU A 142 15.44 -25.24 23.86
C GLU A 142 15.98 -25.14 22.43
N ILE A 143 15.06 -25.03 21.47
CA ILE A 143 15.41 -24.98 20.05
C ILE A 143 15.97 -23.62 19.66
N ARG A 144 15.27 -22.54 20.04
CA ARG A 144 15.73 -21.17 19.73
C ARG A 144 16.98 -20.81 20.52
N ARG A 145 17.24 -21.56 21.59
CA ARG A 145 18.51 -21.47 22.29
C ARG A 145 19.57 -22.20 21.49
N LYS A 146 19.46 -23.52 21.44
CA LYS A 146 20.53 -24.38 20.88
C LYS A 146 20.93 -24.08 19.42
N ARG A 147 20.17 -23.21 18.74
CA ARG A 147 20.53 -22.73 17.41
C ARG A 147 21.59 -21.63 17.53
N GLU A 155 24.77 -27.32 20.70
CA GLU A 155 24.29 -26.94 19.37
C GLU A 155 23.23 -27.92 18.87
N ASN A 156 23.64 -29.18 18.68
CA ASN A 156 22.75 -30.25 18.24
C ASN A 156 21.57 -30.53 19.16
N SER A 157 20.45 -30.95 18.57
CA SER A 157 19.42 -31.60 19.38
C SER A 157 20.01 -32.85 20.03
N PRO A 158 19.46 -33.24 21.17
CA PRO A 158 19.76 -34.52 21.82
C PRO A 158 19.16 -35.70 21.07
N PHE A 159 18.40 -35.43 20.01
CA PHE A 159 17.67 -36.49 19.34
C PHE A 159 18.09 -36.70 17.88
N ARG A 160 19.02 -35.87 17.41
CA ARG A 160 19.48 -35.91 16.03
C ARG A 160 19.80 -37.32 15.53
N GLU A 161 20.54 -38.07 16.32
CA GLU A 161 20.99 -39.39 15.89
C GLU A 161 19.93 -40.48 16.08
N ARG A 162 18.66 -40.08 16.17
CA ARG A 162 17.56 -41.04 16.17
C ARG A 162 17.56 -41.83 14.88
N SER A 163 17.23 -43.12 14.97
CA SER A 163 17.19 -43.97 13.80
C SER A 163 16.08 -43.54 12.86
N ILE A 164 16.15 -44.01 11.62
CA ILE A 164 15.11 -43.72 10.64
C ILE A 164 13.80 -44.31 11.11
N GLU A 165 13.85 -45.56 11.54
CA GLU A 165 12.65 -46.29 11.95
C GLU A 165 11.86 -45.52 13.05
N GLU A 166 12.62 -45.02 14.03
CA GLU A 166 12.05 -44.32 15.18
C GLU A 166 11.47 -42.97 14.77
N ASN A 167 12.25 -42.21 14.01
CA ASN A 167 11.82 -40.94 13.44
C ASN A 167 10.51 -41.08 12.68
N LEU A 168 10.50 -42.00 11.74
CA LEU A 168 9.37 -42.23 10.88
C LEU A 168 8.13 -42.61 11.70
N ASP A 169 8.31 -43.50 12.66
CA ASP A 169 7.20 -43.88 13.52
C ASP A 169 6.65 -42.69 14.31
N LEU A 170 7.55 -41.96 14.97
CA LEU A 170 7.21 -40.74 15.72
C LEU A 170 6.47 -39.67 14.88
N PHE A 171 6.91 -39.48 13.65
CA PHE A 171 6.27 -38.52 12.77
C PHE A 171 4.87 -39.03 12.47
N ARG A 172 4.78 -40.31 12.15
CA ARG A 172 3.50 -40.90 11.81
C ARG A 172 2.47 -40.70 12.92
N ARG A 173 2.92 -40.92 14.16
CA ARG A 173 2.07 -40.74 15.33
C ARG A 173 1.75 -39.26 15.56
N MET A 174 2.70 -38.38 15.23
CA MET A 174 2.44 -36.93 15.25
C MET A 174 1.24 -36.62 14.38
N ARG A 175 1.26 -37.11 13.13
CA ARG A 175 0.12 -36.93 12.26
C ARG A 175 -1.13 -37.55 12.89
N ALA A 176 -0.96 -38.71 13.50
CA ALA A 176 -2.09 -39.37 14.13
C ALA A 176 -2.68 -38.58 15.31
N GLY A 177 -1.97 -37.57 15.80
CA GLY A 177 -2.51 -36.68 16.81
C GLY A 177 -2.37 -37.20 18.23
N GLU A 178 -1.38 -38.05 18.44
CA GLU A 178 -1.17 -38.69 19.72
C GLU A 178 -0.45 -37.82 20.75
N PHE A 179 0.45 -36.96 20.28
CA PHE A 179 1.15 -36.04 21.16
C PHE A 179 0.55 -34.66 21.00
N GLU A 180 0.95 -33.71 21.85
CA GLU A 180 0.25 -32.44 21.90
C GLU A 180 1.14 -31.26 21.57
N GLU A 181 0.49 -30.12 21.28
CA GLU A 181 1.13 -28.94 20.72
C GLU A 181 2.52 -28.64 21.26
N GLY A 182 3.50 -28.61 20.37
CA GLY A 182 4.82 -28.15 20.73
C GLY A 182 5.67 -29.15 21.47
N SER A 183 5.10 -30.31 21.79
CA SER A 183 5.85 -31.32 22.52
C SER A 183 6.94 -31.89 21.64
N ARG A 184 6.60 -32.09 20.38
CA ARG A 184 7.52 -32.63 19.39
C ARG A 184 7.41 -31.82 18.10
N VAL A 185 8.43 -31.96 17.27
CA VAL A 185 8.55 -31.17 16.06
C VAL A 185 9.40 -31.96 15.07
N LEU A 186 9.08 -31.93 13.78
CA LEU A 186 9.98 -32.55 12.81
C LEU A 186 10.88 -31.50 12.16
N ARG A 187 12.17 -31.82 12.10
CA ARG A 187 13.21 -30.94 11.58
C ARG A 187 14.03 -31.60 10.48
N ALA A 188 14.39 -30.82 9.46
CA ALA A 188 15.41 -31.25 8.51
C ALA A 188 16.74 -31.48 9.24
N LYS A 189 17.51 -32.45 8.79
CA LYS A 189 18.81 -32.74 9.41
C LYS A 189 19.96 -32.23 8.52
N ILE A 190 20.37 -30.97 8.73
CA ILE A 190 21.44 -30.37 7.94
C ILE A 190 22.77 -30.22 8.71
N ASP A 191 23.22 -28.97 8.89
CA ASP A 191 24.39 -28.66 9.73
C ASP A 191 24.06 -27.55 10.71
N MET A 192 24.19 -27.84 12.01
CA MET A 192 23.99 -26.81 13.02
C MET A 192 25.11 -25.77 12.93
N THR A 193 26.31 -26.27 12.67
CA THR A 193 27.48 -25.43 12.46
C THR A 193 27.22 -24.42 11.36
N HIS A 194 27.24 -24.90 10.12
CA HIS A 194 27.12 -24.07 8.92
C HIS A 194 26.16 -22.89 9.05
N SER A 195 26.68 -21.69 8.86
CA SER A 195 25.85 -20.49 8.96
C SER A 195 25.00 -20.30 7.72
N ASN A 196 23.96 -21.12 7.62
CA ASN A 196 22.93 -20.98 6.58
C ASN A 196 22.33 -19.61 6.28
N MET A 197 21.96 -18.81 7.29
CA MET A 197 21.99 -19.13 8.72
C MET A 197 20.87 -20.07 9.15
N ASN A 198 19.70 -19.90 8.52
CA ASN A 198 18.56 -20.78 8.75
C ASN A 198 18.77 -22.08 7.98
N MET A 199 19.82 -22.80 8.34
CA MET A 199 20.14 -24.08 7.74
C MET A 199 20.70 -24.93 8.86
N ARG A 200 20.54 -24.43 10.07
CA ARG A 200 20.84 -25.17 11.27
C ARG A 200 19.59 -25.94 11.71
N ASP A 201 19.29 -27.03 11.01
CA ASP A 201 18.13 -27.89 11.29
C ASP A 201 16.78 -27.16 11.34
N PRO A 202 16.32 -26.63 10.19
CA PRO A 202 15.07 -25.87 10.13
C PRO A 202 13.84 -26.74 10.43
N VAL A 203 12.84 -26.15 11.08
CA VAL A 203 11.65 -26.90 11.45
C VAL A 203 10.75 -27.15 10.23
N LEU A 204 10.36 -28.39 10.05
CA LEU A 204 9.55 -28.78 8.90
C LEU A 204 8.11 -28.87 9.32
N TYR A 205 7.84 -29.63 10.36
CA TYR A 205 6.46 -29.78 10.79
C TYR A 205 6.28 -29.41 12.25
N ARG A 206 5.28 -28.58 12.48
CA ARG A 206 4.87 -28.27 13.84
C ARG A 206 3.53 -28.96 14.08
N ILE A 207 3.25 -29.34 15.32
CA ILE A 207 1.96 -29.93 15.62
C ILE A 207 0.97 -28.89 16.20
N LEU A 208 -0.11 -28.65 15.46
CA LEU A 208 -1.09 -27.64 15.80
C LEU A 208 -2.51 -28.21 15.80
N LYS A 209 -3.10 -28.38 16.98
CA LYS A 209 -4.42 -29.01 17.04
C LYS A 209 -5.59 -28.03 16.86
N LYS A 210 -5.64 -27.43 15.66
CA LYS A 210 -6.64 -26.43 15.29
C LYS A 210 -7.10 -26.69 13.84
N GLU A 211 -8.37 -26.45 13.55
CA GLU A 211 -8.93 -26.72 12.22
C GLU A 211 -8.59 -25.67 11.17
N HIS A 212 -8.52 -26.13 9.93
CA HIS A 212 -8.16 -25.31 8.79
C HIS A 212 -9.43 -24.88 8.05
N PRO A 213 -9.46 -23.63 7.56
CA PRO A 213 -10.58 -23.07 6.78
C PRO A 213 -10.94 -23.92 5.58
N ARG A 214 -10.00 -24.71 5.12
CA ARG A 214 -10.03 -25.23 3.77
C ARG A 214 -9.76 -26.71 3.76
N THR A 215 -9.11 -27.19 4.82
CA THR A 215 -8.64 -28.56 4.92
C THR A 215 -9.37 -29.19 6.07
N GLY A 216 -10.09 -28.33 6.78
CA GLY A 216 -10.98 -28.77 7.83
C GLY A 216 -10.23 -29.44 8.95
N ASN A 217 -10.62 -30.69 9.22
CA ASN A 217 -10.07 -31.48 10.32
C ASN A 217 -9.13 -32.57 9.81
N GLN A 218 -8.63 -32.42 8.59
CA GLN A 218 -7.84 -33.47 7.98
C GLN A 218 -6.36 -33.43 8.43
N TRP A 219 -5.96 -32.36 9.09
CA TRP A 219 -4.56 -32.22 9.50
C TRP A 219 -4.38 -31.59 10.87
N VAL A 220 -3.42 -32.13 11.60
CA VAL A 220 -3.23 -31.75 12.97
C VAL A 220 -1.74 -31.45 13.18
N ILE A 221 -0.95 -31.75 12.14
CA ILE A 221 0.39 -31.19 12.00
C ILE A 221 0.40 -30.35 10.73
N TYR A 222 1.20 -29.28 10.71
CA TYR A 222 1.29 -28.42 9.51
C TYR A 222 2.75 -28.05 9.19
N PRO A 223 3.05 -27.84 7.89
CA PRO A 223 4.38 -27.48 7.37
C PRO A 223 4.71 -26.02 7.58
N MET A 224 5.96 -25.74 7.93
CA MET A 224 6.43 -24.38 8.09
C MET A 224 6.76 -23.78 6.74
N TYR A 225 6.65 -22.45 6.66
CA TYR A 225 6.80 -21.68 5.44
C TYR A 225 7.99 -22.13 4.59
N ASP A 226 9.17 -22.18 5.20
CA ASP A 226 10.37 -22.64 4.49
C ASP A 226 10.21 -24.00 3.84
N TYR A 227 9.62 -24.96 4.55
CA TYR A 227 9.48 -26.30 3.98
C TYR A 227 8.49 -26.34 2.83
N ALA A 228 7.43 -25.54 2.96
CA ALA A 228 6.34 -25.62 2.01
C ALA A 228 6.56 -24.75 0.77
N HIS A 229 7.36 -23.70 0.89
CA HIS A 229 7.44 -22.67 -0.14
C HIS A 229 7.99 -23.17 -1.49
N GLY A 230 9.26 -23.56 -1.49
CA GLY A 230 9.86 -24.14 -2.68
C GLY A 230 9.23 -25.44 -3.18
N GLN A 231 8.60 -26.21 -2.28
CA GLN A 231 7.93 -27.43 -2.71
C GLN A 231 6.61 -27.12 -3.39
N SER A 232 5.95 -26.06 -2.91
CA SER A 232 4.81 -25.51 -3.60
C SER A 232 5.26 -25.07 -5.00
N ASP A 233 6.34 -24.30 -5.06
CA ASP A 233 6.84 -23.83 -6.36
C ASP A 233 7.06 -25.02 -7.26
N SER A 234 7.62 -26.08 -6.69
CA SER A 234 7.99 -27.24 -7.47
C SER A 234 6.75 -27.93 -8.01
N ILE A 235 5.79 -28.18 -7.14
CA ILE A 235 4.55 -28.86 -7.54
C ILE A 235 3.88 -28.09 -8.67
N GLU A 236 4.03 -26.77 -8.65
CA GLU A 236 3.32 -25.89 -9.57
C GLU A 236 4.06 -25.58 -10.86
N ASN A 237 5.26 -26.14 -10.97
CA ASN A 237 6.13 -25.93 -12.11
C ASN A 237 6.49 -24.47 -12.32
N ILE A 238 6.55 -23.73 -11.22
CA ILE A 238 6.98 -22.35 -11.27
C ILE A 238 8.39 -22.34 -11.86
N THR A 239 8.63 -21.52 -12.86
CA THR A 239 9.95 -21.47 -13.50
C THR A 239 10.85 -20.47 -12.82
N HIS A 240 10.29 -19.31 -12.47
CA HIS A 240 11.08 -18.28 -11.84
C HIS A 240 10.39 -17.80 -10.58
N SER A 241 10.93 -18.17 -9.44
CA SER A 241 10.30 -17.82 -8.18
C SER A 241 10.92 -16.55 -7.61
N ILE A 242 10.15 -15.48 -7.55
CA ILE A 242 10.71 -14.21 -7.12
C ILE A 242 10.27 -13.82 -5.71
N CYS A 243 11.25 -13.69 -4.81
CA CYS A 243 10.94 -13.45 -3.41
C CYS A 243 11.51 -12.10 -2.95
N LEU A 249 16.44 -13.53 3.82
CA LEU A 249 16.41 -14.09 2.46
C LEU A 249 17.62 -14.98 2.15
N HIS A 250 17.37 -16.28 1.94
CA HIS A 250 18.43 -17.25 1.62
C HIS A 250 17.88 -18.51 0.91
N ARG A 251 18.46 -18.83 -0.24
CA ARG A 251 17.96 -19.90 -1.08
C ARG A 251 18.89 -21.12 -1.13
N ILE A 252 19.81 -21.24 -0.17
CA ILE A 252 20.58 -22.48 -0.05
C ILE A 252 19.62 -23.57 0.43
N LEU A 253 18.66 -23.18 1.26
CA LEU A 253 17.72 -24.12 1.87
C LEU A 253 16.68 -24.57 0.85
N TYR A 254 16.17 -23.61 0.09
CA TYR A 254 15.18 -23.84 -0.95
C TYR A 254 15.75 -24.85 -1.94
N ASP A 255 16.97 -24.57 -2.36
CA ASP A 255 17.73 -25.45 -3.22
C ASP A 255 18.02 -26.78 -2.55
N TRP A 256 18.16 -26.76 -1.22
CA TRP A 256 18.51 -27.98 -0.52
C TRP A 256 17.35 -28.96 -0.58
N PHE A 257 16.15 -28.46 -0.24
CA PHE A 257 14.96 -29.30 -0.31
C PHE A 257 14.80 -29.81 -1.71
N GLN A 258 14.84 -28.93 -2.70
CA GLN A 258 14.62 -29.43 -4.06
C GLN A 258 15.66 -30.49 -4.46
N GLU A 259 16.92 -30.28 -4.04
CA GLU A 259 18.01 -31.18 -4.37
C GLU A 259 17.77 -32.56 -3.77
N LYS A 260 17.45 -32.58 -2.48
CA LYS A 260 17.43 -33.83 -1.76
C LYS A 260 16.12 -34.59 -1.97
N LEU A 261 15.19 -34.04 -2.74
CA LEU A 261 13.83 -34.57 -2.76
C LEU A 261 13.36 -35.60 -3.80
N GLU A 262 13.98 -35.79 -4.96
CA GLU A 262 14.77 -34.83 -5.68
C GLU A 262 13.77 -34.53 -6.78
N ILE A 263 13.23 -33.33 -6.78
CA ILE A 263 12.03 -33.01 -7.54
C ILE A 263 12.29 -31.88 -8.52
N THR A 264 11.24 -31.41 -9.19
CA THR A 264 11.40 -30.37 -10.20
C THR A 264 12.03 -29.13 -9.60
N ARG A 265 13.17 -28.73 -10.16
CA ARG A 265 13.92 -27.61 -9.63
C ARG A 265 13.29 -26.32 -10.13
N THR A 266 13.34 -25.27 -9.31
CA THR A 266 12.75 -23.99 -9.72
C THR A 266 13.75 -22.88 -9.41
N ARG A 267 13.97 -21.99 -10.37
CA ARG A 267 14.99 -20.96 -10.21
C ARG A 267 14.54 -19.88 -9.21
N GLN A 268 15.26 -19.73 -8.11
CA GLN A 268 14.93 -18.75 -7.07
C GLN A 268 15.68 -17.43 -7.24
N ILE A 269 14.92 -16.38 -7.51
CA ILE A 269 15.44 -15.02 -7.68
C ILE A 269 15.00 -14.19 -6.49
N GLU A 270 15.94 -13.58 -5.80
CA GLU A 270 15.63 -12.86 -4.57
C GLU A 270 16.02 -11.39 -4.72
N PHE A 271 15.09 -10.48 -4.41
CA PHE A 271 15.44 -9.07 -4.38
C PHE A 271 15.18 -8.47 -2.98
N ALA A 272 15.48 -7.18 -2.84
CA ALA A 272 15.39 -6.52 -1.54
C ALA A 272 13.98 -6.06 -1.20
N ARG A 273 13.57 -6.29 0.05
CA ARG A 273 12.29 -5.81 0.55
C ARG A 273 12.21 -4.31 0.37
N LEU A 274 11.02 -3.82 0.02
CA LEU A 274 10.80 -2.39 -0.14
C LEU A 274 10.78 -1.64 1.18
N ASN A 275 11.46 -0.50 1.23
CA ASN A 275 11.45 0.37 2.40
C ASN A 275 11.22 1.82 1.99
N VAL A 276 10.26 2.47 2.61
CA VAL A 276 9.97 3.87 2.30
C VAL A 276 10.08 4.73 3.55
N THR A 277 10.75 5.87 3.44
CA THR A 277 10.88 6.80 4.56
C THR A 277 9.52 7.25 5.07
N TYR A 278 9.47 7.66 6.34
CA TYR A 278 8.24 8.10 6.98
C TYR A 278 7.15 7.03 6.95
N THR A 279 7.55 5.76 6.89
CA THR A 279 6.62 4.66 6.65
C THR A 279 7.07 3.36 7.30
N VAL A 280 6.13 2.62 7.90
CA VAL A 280 6.43 1.28 8.39
C VAL A 280 5.49 0.25 7.77
N MET A 281 5.98 -0.97 7.59
CA MET A 281 5.21 -2.02 6.92
C MET A 281 5.33 -3.37 7.62
N SER A 282 5.76 -3.33 8.87
CA SER A 282 5.89 -4.56 9.65
C SER A 282 4.50 -5.01 10.09
N LYS A 283 4.23 -6.32 10.01
CA LYS A 283 2.94 -6.86 10.46
C LYS A 283 2.58 -6.33 11.85
N ARG A 284 3.56 -6.40 12.76
CA ARG A 284 3.36 -5.98 14.14
C ARG A 284 3.08 -4.48 14.28
N LYS A 285 3.94 -3.65 13.70
CA LYS A 285 3.77 -2.22 13.84
C LYS A 285 2.44 -1.74 13.21
N LEU A 286 2.10 -2.32 12.05
CA LEU A 286 0.82 -2.01 11.40
C LEU A 286 -0.37 -2.37 12.27
N LEU A 287 -0.37 -3.61 12.78
CA LEU A 287 -1.43 -4.06 13.67
C LEU A 287 -1.57 -3.16 14.90
N ALA A 288 -0.44 -2.70 15.44
CA ALA A 288 -0.47 -1.74 16.53
C ALA A 288 -1.17 -0.46 16.10
N LEU A 289 -0.75 0.09 14.96
CA LEU A 289 -1.31 1.33 14.45
C LEU A 289 -2.83 1.25 14.32
N VAL A 290 -3.33 0.10 13.86
CA VAL A 290 -4.77 -0.06 13.72
C VAL A 290 -5.45 -0.25 15.08
N THR A 291 -5.01 -1.28 15.81
CA THR A 291 -5.60 -1.66 17.08
C THR A 291 -5.57 -0.53 18.11
N GLU A 292 -4.44 0.15 18.21
CA GLU A 292 -4.26 1.22 19.18
C GLU A 292 -4.95 2.52 18.72
N LYS A 293 -5.66 2.44 17.58
CA LYS A 293 -6.42 3.57 17.04
C LYS A 293 -5.59 4.77 16.58
N TRP A 294 -4.32 4.54 16.29
CA TRP A 294 -3.46 5.58 15.70
C TRP A 294 -3.99 6.01 14.35
N VAL A 295 -4.56 5.06 13.62
CA VAL A 295 -5.26 5.32 12.39
C VAL A 295 -6.65 4.74 12.50
N ASP A 296 -7.46 4.89 11.47
CA ASP A 296 -8.84 4.46 11.54
C ASP A 296 -9.10 3.38 10.51
N GLY A 297 -8.87 2.14 10.90
CA GLY A 297 -9.14 1.00 10.04
C GLY A 297 -7.98 0.67 9.13
N TRP A 298 -8.06 -0.49 8.47
CA TRP A 298 -6.97 -0.93 7.60
C TRP A 298 -6.93 -0.18 6.28
N ASP A 299 -8.02 0.52 5.96
CA ASP A 299 -8.12 1.24 4.71
C ASP A 299 -7.89 2.73 4.91
N ASP A 300 -7.43 3.09 6.11
CA ASP A 300 -7.05 4.47 6.40
C ASP A 300 -6.01 4.99 5.40
N PRO A 301 -6.17 6.24 4.98
CA PRO A 301 -5.27 6.77 3.94
C PRO A 301 -3.81 6.99 4.35
N ARG A 302 -3.50 6.96 5.65
CA ARG A 302 -2.13 7.21 6.10
C ARG A 302 -1.34 5.92 6.14
N LEU A 303 -2.07 4.82 5.94
CA LEU A 303 -1.51 3.49 5.99
C LEU A 303 -0.99 3.12 4.62
N PRO A 304 0.07 2.31 4.58
CA PRO A 304 0.67 1.92 3.30
C PRO A 304 0.06 0.62 2.78
N THR A 305 -1.13 0.28 3.21
CA THR A 305 -1.81 -0.88 2.63
C THR A 305 -2.32 -0.45 1.28
N LEU A 306 -2.54 -1.41 0.39
CA LEU A 306 -3.11 -1.10 -0.90
C LEU A 306 -4.52 -0.53 -0.73
N SER A 307 -5.23 -0.98 0.29
CA SER A 307 -6.59 -0.51 0.56
C SER A 307 -6.56 0.96 0.93
N GLY A 308 -5.67 1.30 1.85
CA GLY A 308 -5.48 2.65 2.32
C GLY A 308 -5.01 3.58 1.23
N LEU A 309 -4.08 3.12 0.39
CA LEU A 309 -3.60 3.93 -0.71
C LEU A 309 -4.71 4.16 -1.71
N ARG A 310 -5.53 3.14 -1.92
CA ARG A 310 -6.64 3.26 -2.86
C ARG A 310 -7.64 4.27 -2.33
N ARG A 311 -7.84 4.28 -1.01
CA ARG A 311 -8.79 5.18 -0.40
C ARG A 311 -8.25 6.60 -0.29
N ARG A 312 -6.94 6.72 -0.05
CA ARG A 312 -6.25 7.98 -0.10
C ARG A 312 -6.52 8.63 -1.44
N GLY A 313 -6.68 7.82 -2.49
CA GLY A 313 -6.96 8.36 -3.82
C GLY A 313 -5.83 8.19 -4.83
N VAL A 314 -4.75 7.55 -4.38
CA VAL A 314 -3.70 7.12 -5.26
C VAL A 314 -4.29 6.19 -6.32
N PRO A 315 -3.97 6.45 -7.57
CA PRO A 315 -4.39 5.58 -8.68
C PRO A 315 -3.37 4.46 -8.92
N PRO A 316 -3.85 3.28 -9.33
CA PRO A 316 -2.96 2.11 -9.52
C PRO A 316 -1.74 2.41 -10.41
N SER A 317 -1.90 3.26 -11.41
CA SER A 317 -0.80 3.51 -12.33
C SER A 317 0.33 4.22 -11.60
N ALA A 318 -0.01 5.05 -10.63
CA ALA A 318 1.00 5.76 -9.88
C ALA A 318 1.86 4.76 -9.13
N LEU A 319 1.22 3.69 -8.67
CA LEU A 319 1.89 2.63 -7.96
C LEU A 319 2.76 1.80 -8.89
N ARG A 320 2.21 1.35 -10.03
CA ARG A 320 3.02 0.68 -11.06
C ARG A 320 4.27 1.47 -11.47
N ASP A 321 4.07 2.76 -11.68
CA ASP A 321 5.14 3.70 -11.98
C ASP A 321 6.17 3.75 -10.84
N PHE A 322 5.69 3.89 -9.61
CA PHE A 322 6.57 3.87 -8.45
C PHE A 322 7.38 2.59 -8.36
N CYS A 323 6.72 1.45 -8.49
CA CYS A 323 7.45 0.20 -8.41
C CYS A 323 8.49 0.09 -9.55
N ASP A 324 8.22 0.67 -10.71
CA ASP A 324 9.26 0.75 -11.76
C ASP A 324 10.43 1.67 -11.40
N LYS A 325 10.15 2.83 -10.78
CA LYS A 325 11.20 3.78 -10.42
C LYS A 325 12.00 3.37 -9.18
N VAL A 326 11.51 2.38 -8.44
CA VAL A 326 12.26 1.84 -7.30
C VAL A 326 13.37 0.93 -7.80
N GLY A 327 13.03 0.06 -8.74
CA GLY A 327 14.01 -0.81 -9.37
C GLY A 327 14.40 -2.08 -8.61
N VAL A 328 14.85 -3.09 -9.36
CA VAL A 328 15.40 -4.31 -8.77
C VAL A 328 16.75 -4.01 -8.10
N ALA A 329 17.13 -4.85 -7.14
CA ALA A 329 18.35 -4.66 -6.35
C ALA A 329 18.44 -5.78 -5.32
N ARG A 330 19.54 -6.52 -5.33
CA ARG A 330 19.73 -7.58 -4.34
C ARG A 330 20.06 -6.93 -2.98
N ARG A 331 20.73 -5.78 -3.03
CA ARG A 331 21.16 -5.06 -1.84
C ARG A 331 20.08 -4.10 -1.29
N GLU A 332 19.83 -4.22 0.02
CA GLU A 332 18.75 -3.50 0.71
C GLU A 332 18.96 -1.99 0.82
N SER A 333 18.02 -1.24 0.23
CA SER A 333 18.04 0.22 0.29
C SER A 333 16.72 0.79 0.82
N THR A 334 16.52 2.09 0.67
CA THR A 334 15.32 2.74 1.19
C THR A 334 14.91 3.92 0.31
N ILE A 335 13.72 3.84 -0.28
CA ILE A 335 13.26 4.89 -1.16
C ILE A 335 12.59 6.01 -0.36
N LYS A 336 12.91 7.25 -0.67
CA LYS A 336 12.32 8.40 0.04
C LYS A 336 10.88 8.59 -0.43
N VAL A 337 9.96 8.87 0.50
CA VAL A 337 8.54 9.02 0.13
C VAL A 337 8.34 10.01 -0.96
N GLU A 338 9.27 10.95 -1.10
CA GLU A 338 9.11 11.99 -2.08
C GLU A 338 9.01 11.37 -3.49
N VAL A 339 9.67 10.23 -3.69
CA VAL A 339 9.54 9.51 -4.94
C VAL A 339 8.11 9.00 -5.16
N LEU A 340 7.53 8.41 -4.12
CA LEU A 340 6.13 7.99 -4.14
C LEU A 340 5.23 9.18 -4.48
N GLU A 341 5.32 10.21 -3.64
CA GLU A 341 4.46 11.38 -3.78
C GLU A 341 4.59 11.98 -5.18
N LYS A 342 5.80 11.94 -5.74
CA LYS A 342 5.97 12.47 -7.08
C LYS A 342 5.27 11.59 -8.08
N CYS A 343 5.33 10.27 -7.90
CA CYS A 343 4.63 9.33 -8.79
C CYS A 343 3.13 9.55 -8.81
N ILE A 344 2.54 9.63 -7.62
CA ILE A 344 1.09 9.87 -7.52
C ILE A 344 0.68 11.26 -7.99
N ARG A 345 1.49 12.27 -7.68
CA ARG A 345 1.22 13.63 -8.14
C ARG A 345 1.30 13.75 -9.67
N ASP A 346 2.38 13.26 -10.27
CA ASP A 346 2.48 13.21 -11.71
C ASP A 346 1.32 12.46 -12.36
N ALA A 347 0.84 11.39 -11.71
CA ALA A 347 -0.29 10.65 -12.27
C ALA A 347 -1.58 11.44 -12.18
N LEU A 348 -1.85 11.98 -11.00
CA LEU A 348 -3.06 12.77 -10.75
C LEU A 348 -3.13 13.99 -11.63
N HIS A 349 -1.95 14.53 -11.95
CA HIS A 349 -1.87 15.77 -12.68
C HIS A 349 -2.44 15.59 -14.08
N VAL A 350 -2.17 14.44 -14.68
CA VAL A 350 -2.66 14.11 -16.01
C VAL A 350 -4.19 14.04 -16.08
N VAL A 351 -4.82 13.42 -15.08
CA VAL A 351 -6.24 13.08 -15.15
C VAL A 351 -7.19 13.75 -14.14
N ALA A 352 -6.68 14.65 -13.31
CA ALA A 352 -7.52 15.32 -12.31
C ALA A 352 -8.50 16.27 -12.96
N HIS A 353 -9.54 16.66 -12.23
CA HIS A 353 -10.45 17.70 -12.68
C HIS A 353 -10.37 18.93 -11.77
N ARG A 354 -10.12 20.08 -12.37
CA ARG A 354 -10.08 21.35 -11.65
C ARG A 354 -11.43 21.65 -10.99
N ARG A 355 -11.42 21.89 -9.68
CA ARG A 355 -12.62 22.27 -8.96
C ARG A 355 -12.18 23.13 -7.78
N PHE A 356 -13.07 24.02 -7.34
CA PHE A 356 -12.75 24.91 -6.22
C PHE A 356 -13.16 24.33 -4.88
N ALA A 357 -12.28 24.39 -3.89
CA ALA A 357 -12.70 24.06 -2.53
C ALA A 357 -12.12 24.96 -1.43
N ILE A 358 -12.96 25.29 -0.45
CA ILE A 358 -12.52 26.06 0.71
C ILE A 358 -12.48 25.17 1.95
N GLN A 359 -11.31 25.01 2.57
CA GLN A 359 -11.24 24.20 3.77
C GLN A 359 -11.54 24.96 5.07
N ASP A 360 -11.03 26.19 5.20
CA ASP A 360 -11.29 26.99 6.40
C ASP A 360 -11.95 28.29 5.99
N PRO A 361 -13.25 28.24 5.67
CA PRO A 361 -13.96 29.37 5.05
C PRO A 361 -13.92 30.65 5.82
N ILE A 362 -13.89 31.73 5.04
CA ILE A 362 -14.08 33.09 5.52
C ILE A 362 -14.84 33.85 4.43
N ALA A 363 -15.84 34.61 4.85
CA ALA A 363 -16.78 35.21 3.92
C ALA A 363 -16.24 36.48 3.29
N VAL A 364 -16.56 36.68 2.02
CA VAL A 364 -16.22 37.92 1.36
C VAL A 364 -17.52 38.51 0.81
N THR A 365 -17.78 39.79 1.08
CA THR A 365 -18.87 40.50 0.42
C THR A 365 -18.30 41.52 -0.55
N ILE A 366 -18.69 41.44 -1.81
CA ILE A 366 -18.25 42.44 -2.77
C ILE A 366 -19.12 43.68 -2.62
N THR A 367 -18.46 44.78 -2.30
CA THR A 367 -19.10 46.02 -1.90
C THR A 367 -19.71 46.81 -3.06
N ASN A 368 -19.26 46.53 -4.28
CA ASN A 368 -19.70 47.29 -5.44
C ASN A 368 -20.19 46.35 -6.52
N TYR A 369 -20.95 45.33 -6.16
CA TYR A 369 -21.43 44.36 -7.15
C TYR A 369 -22.96 44.28 -7.19
N GLY A 370 -23.59 44.39 -6.03
CA GLY A 370 -25.02 44.24 -5.95
C GLY A 370 -25.45 42.83 -6.27
N ASP A 371 -26.73 42.67 -6.60
CA ASP A 371 -27.27 41.35 -6.90
C ASP A 371 -26.97 41.02 -8.36
N LYS A 372 -27.54 39.93 -8.87
CA LYS A 372 -27.17 39.31 -10.17
C LYS A 372 -25.96 38.36 -10.05
N VAL A 373 -25.92 37.31 -10.89
CA VAL A 373 -25.05 36.17 -10.63
C VAL A 373 -24.23 35.57 -11.77
N GLU A 374 -23.83 36.40 -12.73
CA GLU A 374 -22.76 36.10 -13.72
C GLU A 374 -22.14 34.68 -13.83
N THR A 375 -22.32 34.02 -14.98
CA THR A 375 -21.70 32.72 -15.23
C THR A 375 -20.26 32.86 -15.74
N ILE A 376 -19.43 31.88 -15.44
CA ILE A 376 -18.06 31.85 -15.96
C ILE A 376 -17.68 30.45 -16.44
N THR A 377 -17.06 30.39 -17.61
CA THR A 377 -16.58 29.13 -18.11
C THR A 377 -15.06 29.08 -17.89
N ALA A 378 -14.57 27.98 -17.32
CA ALA A 378 -13.13 27.85 -17.07
C ALA A 378 -12.63 26.41 -17.25
N ARG A 390 -18.41 21.90 -16.41
CA ARG A 390 -18.16 22.63 -15.16
C ARG A 390 -18.88 23.96 -15.12
N GLU A 391 -19.63 24.20 -14.05
CA GLU A 391 -20.39 25.44 -13.90
C GLU A 391 -19.86 26.32 -12.77
N LEU A 392 -19.42 27.52 -13.12
CA LEU A 392 -18.76 28.42 -12.17
C LEU A 392 -19.39 29.82 -12.20
N HIS A 393 -19.89 30.28 -11.06
CA HIS A 393 -20.52 31.60 -11.00
C HIS A 393 -19.74 32.61 -10.16
N PHE A 394 -20.06 33.88 -10.36
CA PHE A 394 -19.47 34.96 -9.56
C PHE A 394 -20.59 35.85 -9.06
N SER A 395 -20.56 36.21 -7.77
CA SER A 395 -21.64 37.01 -7.20
C SER A 395 -21.16 37.91 -6.05
N LYS A 396 -22.10 38.58 -5.40
CA LYS A 396 -21.83 39.50 -4.29
C LYS A 396 -21.12 38.78 -3.15
N LYS A 397 -21.53 37.54 -2.90
CA LYS A 397 -21.07 36.79 -1.73
C LYS A 397 -20.12 35.61 -2.08
N LEU A 398 -18.85 35.73 -1.69
CA LEU A 398 -17.84 34.68 -1.93
C LEU A 398 -17.33 34.09 -0.63
N TYR A 399 -16.47 33.09 -0.78
CA TYR A 399 -15.67 32.58 0.32
C TYR A 399 -14.22 32.50 -0.14
N ILE A 400 -13.29 32.86 0.74
CA ILE A 400 -11.90 32.54 0.49
C ILE A 400 -11.44 31.70 1.66
N ASP A 401 -10.24 31.15 1.54
CA ASP A 401 -9.72 30.30 2.58
C ASP A 401 -8.95 31.18 3.57
N ARG A 402 -9.10 30.89 4.85
CA ARG A 402 -8.49 31.73 5.89
C ARG A 402 -6.98 31.97 5.73
N ASP A 403 -6.24 30.95 5.30
CA ASP A 403 -4.78 31.06 5.12
C ASP A 403 -4.39 32.08 4.04
N ASP A 404 -5.36 32.50 3.24
CA ASP A 404 -5.12 33.43 2.14
C ASP A 404 -5.42 34.87 2.51
N PHE A 405 -5.80 35.12 3.75
CA PHE A 405 -5.97 36.46 4.24
C PHE A 405 -5.15 36.65 5.49
N MET A 406 -4.66 37.86 5.66
CA MET A 406 -3.83 38.17 6.81
C MET A 406 -4.10 39.63 7.17
N GLU A 407 -4.43 39.86 8.42
CA GLU A 407 -4.78 41.19 8.87
C GLU A 407 -3.58 42.10 8.94
N ASN A 408 -2.45 41.58 9.42
CA ASN A 408 -1.23 42.38 9.51
C ASN A 408 -0.09 41.69 8.78
N PRO A 409 -0.09 41.77 7.45
CA PRO A 409 0.81 40.99 6.58
C PRO A 409 2.26 41.39 6.75
N PRO A 410 3.18 40.43 6.51
CA PRO A 410 4.60 40.76 6.42
C PRO A 410 4.83 41.63 5.20
N ALA A 411 5.93 42.38 5.17
CA ALA A 411 6.24 43.16 3.99
C ALA A 411 6.51 42.19 2.84
N GLY A 412 6.06 42.58 1.64
CA GLY A 412 6.19 41.76 0.45
C GLY A 412 5.41 40.46 0.58
N TYR A 413 4.08 40.58 0.47
CA TYR A 413 3.18 39.48 0.76
C TYR A 413 2.11 39.44 -0.31
N ARG A 414 2.18 38.45 -1.20
CA ARG A 414 1.08 38.21 -2.13
C ARG A 414 -0.12 37.81 -1.26
N ARG A 415 -1.29 37.55 -1.83
CA ARG A 415 -2.48 37.20 -1.02
C ARG A 415 -3.17 38.38 -0.28
N LEU A 416 -4.41 38.16 0.16
CA LEU A 416 -5.27 39.23 0.66
C LEU A 416 -4.91 39.79 2.02
N ALA A 417 -5.09 41.10 2.13
CA ALA A 417 -4.85 41.85 3.37
C ALA A 417 -5.56 43.19 3.24
N PRO A 418 -5.86 43.86 4.38
CA PRO A 418 -6.51 45.16 4.30
C PRO A 418 -5.69 46.15 3.45
N GLY A 419 -6.38 46.85 2.55
CA GLY A 419 -5.72 47.73 1.61
C GLY A 419 -5.18 47.03 0.36
N ALA A 420 -5.09 45.70 0.40
CA ALA A 420 -4.42 44.93 -0.65
C ALA A 420 -5.34 44.38 -1.73
N GLU A 421 -4.75 43.98 -2.84
CA GLU A 421 -5.51 43.47 -3.96
C GLU A 421 -5.01 42.10 -4.42
N VAL A 422 -5.93 41.19 -4.74
CA VAL A 422 -5.56 39.88 -5.25
C VAL A 422 -6.39 39.52 -6.48
N ARG A 423 -5.84 38.65 -7.32
CA ARG A 423 -6.56 38.06 -8.45
C ARG A 423 -7.35 36.87 -7.95
N LEU A 424 -8.63 36.80 -8.31
CA LEU A 424 -9.40 35.59 -8.09
C LEU A 424 -9.26 34.73 -9.34
N LYS A 425 -8.58 33.58 -9.24
CA LYS A 425 -8.45 32.62 -10.34
C LYS A 425 -9.74 32.51 -11.17
N HIS A 426 -9.59 32.61 -12.48
CA HIS A 426 -10.69 32.55 -13.44
C HIS A 426 -11.70 33.69 -13.30
N ALA A 427 -11.32 34.77 -12.61
CA ALA A 427 -12.28 35.85 -12.39
C ALA A 427 -11.64 37.24 -12.31
N TYR A 428 -12.11 38.05 -11.37
CA TYR A 428 -11.68 39.45 -11.26
C TYR A 428 -10.72 39.68 -10.09
N TRP A 429 -10.25 40.92 -9.96
CA TRP A 429 -9.45 41.26 -8.80
C TRP A 429 -10.30 41.89 -7.71
N ILE A 430 -10.09 41.42 -6.48
CA ILE A 430 -10.73 42.06 -5.34
C ILE A 430 -9.72 42.80 -4.45
N LYS A 431 -10.18 43.94 -3.92
CA LYS A 431 -9.37 44.70 -2.98
C LYS A 431 -10.10 44.70 -1.66
N CYS A 432 -9.40 44.39 -0.58
CA CYS A 432 -10.05 44.40 0.72
C CYS A 432 -10.02 45.78 1.34
N VAL A 433 -11.21 46.31 1.60
CA VAL A 433 -11.37 47.58 2.29
C VAL A 433 -12.36 47.23 3.38
N ASP A 434 -11.98 47.43 4.64
CA ASP A 434 -12.77 46.95 5.79
C ASP A 434 -12.88 45.43 6.10
N VAL A 435 -12.77 45.10 7.39
CA VAL A 435 -13.09 43.76 7.86
C VAL A 435 -14.00 43.82 9.08
N VAL A 436 -14.90 42.85 9.18
CA VAL A 436 -15.76 42.73 10.35
C VAL A 436 -15.35 41.53 11.19
N LYS A 437 -15.30 41.74 12.50
CA LYS A 437 -14.85 40.72 13.42
C LYS A 437 -16.00 40.31 14.34
N ASP A 438 -15.91 39.13 14.94
CA ASP A 438 -16.92 38.71 15.90
C ASP A 438 -16.57 39.19 17.30
N ALA A 439 -17.37 38.76 18.29
CA ALA A 439 -17.16 39.18 19.67
C ALA A 439 -15.78 38.80 20.20
N SER A 440 -15.14 37.81 19.58
CA SER A 440 -13.83 37.34 20.02
C SER A 440 -12.69 38.07 19.34
N GLY A 441 -13.02 38.99 18.43
CA GLY A 441 -12.02 39.71 17.68
C GLY A 441 -11.59 38.96 16.43
N LEU A 442 -12.19 37.80 16.20
CA LEU A 442 -11.84 36.99 15.03
C LEU A 442 -12.49 37.57 13.77
N VAL A 443 -11.67 37.74 12.74
CA VAL A 443 -12.15 38.21 11.44
C VAL A 443 -13.14 37.19 10.88
N THR A 444 -14.33 37.62 10.50
CA THR A 444 -15.32 36.68 10.00
C THR A 444 -15.90 37.07 8.65
N GLU A 445 -15.63 38.30 8.22
CA GLU A 445 -16.04 38.76 6.89
C GLU A 445 -15.08 39.79 6.37
N LEU A 446 -14.86 39.73 5.07
CA LEU A 446 -14.03 40.71 4.39
C LEU A 446 -14.95 41.51 3.50
N LEU A 447 -14.81 42.82 3.56
CA LEU A 447 -15.56 43.70 2.71
C LEU A 447 -14.63 44.08 1.55
N CYS A 448 -15.06 43.82 0.32
CA CYS A 448 -14.14 44.00 -0.80
C CYS A 448 -14.79 44.69 -1.99
N THR A 449 -14.07 45.64 -2.62
CA THR A 449 -14.48 46.11 -3.95
C THR A 449 -13.93 45.13 -4.95
N TYR A 450 -14.58 45.02 -6.11
CA TYR A 450 -14.00 44.30 -7.25
C TYR A 450 -13.66 45.25 -8.43
N ASP A 451 -13.25 44.70 -9.57
CA ASP A 451 -12.80 45.51 -10.70
C ASP A 451 -12.96 44.81 -12.06
N PRO A 452 -13.97 45.21 -12.84
CA PRO A 452 -14.24 44.61 -14.16
C PRO A 452 -13.08 44.85 -15.16
N GLN A 453 -12.55 43.73 -15.62
CA GLN A 453 -11.16 43.51 -16.05
C GLN A 453 -10.75 42.23 -15.29
N THR A 454 -11.16 41.13 -15.92
CA THR A 454 -11.11 39.79 -15.36
C THR A 454 -9.68 39.29 -15.31
N LYS A 455 -9.35 38.36 -16.21
CA LYS A 455 -8.16 37.54 -16.06
C LYS A 455 -6.89 38.25 -16.57
N ASN A 456 -6.08 38.77 -15.65
CA ASN A 456 -5.08 39.78 -16.02
C ASN A 456 -3.87 39.88 -15.03
N PRO A 461 -3.68 44.13 -17.25
CA PRO A 461 -4.17 44.65 -15.98
C PRO A 461 -4.88 46.00 -16.07
N ASP A 462 -5.01 46.59 -17.28
CA ASP A 462 -5.66 47.91 -17.51
C ASP A 462 -4.93 49.13 -16.91
N GLY A 463 -4.14 48.87 -15.86
CA GLY A 463 -3.42 49.89 -15.12
C GLY A 463 -2.01 50.21 -15.61
N ARG A 464 -1.00 49.35 -15.40
CA ARG A 464 -1.13 47.94 -14.97
C ARG A 464 -1.10 47.62 -13.45
N LYS A 465 -0.81 46.35 -13.11
CA LYS A 465 -0.51 45.89 -11.73
C LYS A 465 -0.23 44.36 -11.60
N VAL A 466 -0.73 43.75 -10.49
CA VAL A 466 -1.16 42.33 -10.40
C VAL A 466 -0.96 41.62 -9.05
N LYS A 467 0.21 40.98 -8.92
CA LYS A 467 0.75 40.33 -7.70
C LYS A 467 0.40 38.83 -7.51
N GLY A 468 -0.49 38.53 -6.58
CA GLY A 468 -0.87 37.15 -6.36
C GLY A 468 -2.26 36.78 -6.83
N ALA A 469 -2.48 35.46 -6.98
CA ALA A 469 -3.81 34.91 -7.24
C ALA A 469 -4.17 33.86 -6.18
N ILE A 470 -5.45 33.79 -5.80
CA ILE A 470 -5.93 32.83 -4.79
C ILE A 470 -7.17 32.10 -5.31
N HIS A 471 -7.54 31.00 -4.65
CA HIS A 471 -8.77 30.27 -4.98
C HIS A 471 -9.92 30.85 -4.18
N TRP A 472 -11.15 30.50 -4.54
CA TRP A 472 -12.34 31.12 -3.95
C TRP A 472 -13.62 30.36 -4.35
N LEU A 473 -14.75 30.74 -3.77
CA LEU A 473 -16.04 30.12 -4.11
C LEU A 473 -17.20 31.11 -3.94
N SER A 474 -18.06 31.22 -4.95
CA SER A 474 -19.32 31.93 -4.79
C SER A 474 -20.29 31.17 -3.88
N GLU A 475 -21.02 31.90 -3.03
CA GLU A 475 -22.04 31.27 -2.20
C GLU A 475 -22.97 30.45 -3.09
N LYS A 476 -23.28 31.00 -4.27
CA LYS A 476 -24.18 30.33 -5.21
C LYS A 476 -23.66 28.95 -5.65
N ASP A 477 -22.35 28.74 -5.53
CA ASP A 477 -21.75 27.49 -5.98
C ASP A 477 -21.31 26.55 -4.87
N ALA A 478 -21.34 27.03 -3.63
CA ALA A 478 -20.77 26.24 -2.52
C ALA A 478 -21.74 25.21 -1.94
N VAL A 479 -21.21 24.06 -1.54
CA VAL A 479 -21.95 23.09 -0.74
C VAL A 479 -21.06 22.56 0.37
N PRO A 480 -21.62 22.47 1.59
CA PRO A 480 -20.92 22.02 2.78
C PRO A 480 -20.23 20.70 2.53
N ALA A 481 -19.03 20.56 3.08
CA ALA A 481 -18.21 19.39 2.83
C ALA A 481 -17.20 19.20 3.97
N GLU A 482 -16.75 17.98 4.13
CA GLU A 482 -15.74 17.69 5.13
C GLU A 482 -14.43 17.46 4.42
N ILE A 483 -13.51 18.40 4.54
CA ILE A 483 -12.23 18.29 3.89
C ILE A 483 -11.16 17.74 4.85
N ARG A 484 -10.64 16.56 4.54
CA ARG A 484 -9.68 15.91 5.40
C ARG A 484 -8.25 16.08 4.90
N ILE A 485 -7.41 16.78 5.68
CA ILE A 485 -6.01 16.92 5.28
C ILE A 485 -5.09 15.95 6.03
N PHE A 486 -4.54 15.02 5.24
CA PHE A 486 -3.73 13.92 5.75
C PHE A 486 -2.24 14.21 5.60
N GLY A 487 -1.46 13.92 6.65
CA GLY A 487 -0.02 14.10 6.60
C GLY A 487 0.70 12.76 6.57
N ARG A 488 2.01 12.79 6.63
CA ARG A 488 2.75 11.54 6.74
C ARG A 488 2.49 10.95 8.11
N LEU A 489 2.46 9.62 8.20
CA LEU A 489 2.08 8.96 9.44
C LEU A 489 3.09 9.26 10.52
N PHE A 490 4.35 9.41 10.10
CA PHE A 490 5.45 9.60 11.03
C PHE A 490 6.09 10.95 10.84
N THR A 491 7.00 11.28 11.73
CA THR A 491 7.58 12.61 11.75
C THR A 491 9.05 12.59 11.30
N LYS A 492 9.68 11.43 11.38
CA LYS A 492 11.06 11.29 10.97
C LYS A 492 11.16 10.20 9.89
N PRO A 493 12.10 10.36 8.95
CA PRO A 493 12.35 9.36 7.89
C PRO A 493 12.65 7.93 8.37
N ASN A 494 13.35 7.77 9.50
CA ASN A 494 13.76 6.42 9.90
C ASN A 494 13.40 6.00 11.32
N PRO A 495 12.09 5.88 11.61
CA PRO A 495 11.61 5.32 12.89
C PRO A 495 11.95 3.83 13.03
N TRP A 507 6.23 -0.13 17.09
CA TRP A 507 5.64 0.83 16.20
C TRP A 507 6.31 2.15 16.47
N ARG A 508 7.32 2.10 17.33
CA ARG A 508 8.12 3.25 17.76
C ARG A 508 7.39 4.60 17.66
N GLU A 509 6.50 4.87 18.61
CA GLU A 509 5.65 6.05 18.52
C GLU A 509 6.42 7.40 18.45
N ASN A 510 7.01 7.66 17.29
CA ASN A 510 7.41 9.01 16.85
C ASN A 510 6.43 9.35 15.70
N ILE A 511 5.15 9.26 16.05
CA ILE A 511 4.05 9.29 15.11
C ILE A 511 3.49 10.70 14.99
N ASN A 512 3.24 11.15 13.77
CA ASN A 512 2.68 12.47 13.54
C ASN A 512 1.34 12.57 14.26
N LYS A 513 1.29 13.44 15.28
CA LYS A 513 0.05 13.64 16.02
C LYS A 513 -0.92 14.49 15.21
N GLU A 514 -0.39 15.17 14.19
CA GLU A 514 -1.19 16.03 13.34
C GLU A 514 -1.38 15.43 11.94
N SER A 515 -1.26 14.11 11.85
CA SER A 515 -1.37 13.39 10.58
C SER A 515 -2.74 13.52 9.92
N LEU A 516 -3.76 13.87 10.70
CA LEU A 516 -5.10 14.10 10.17
C LEU A 516 -5.81 15.29 10.80
N LYS A 517 -6.02 16.34 10.01
CA LYS A 517 -6.84 17.48 10.45
C LYS A 517 -8.13 17.55 9.62
N VAL A 518 -9.27 17.53 10.30
CA VAL A 518 -10.55 17.59 9.60
C VAL A 518 -11.24 18.95 9.62
N TYR A 519 -11.57 19.48 8.45
CA TYR A 519 -12.26 20.78 8.34
C TYR A 519 -13.70 20.67 7.84
N LYS A 520 -14.58 21.53 8.37
CA LYS A 520 -15.91 21.68 7.82
C LYS A 520 -15.81 22.90 6.94
N GLY A 521 -15.88 22.70 5.63
CA GLY A 521 -15.68 23.75 4.65
C GLY A 521 -16.66 23.62 3.49
N PHE A 522 -16.31 24.22 2.35
CA PHE A 522 -17.18 24.14 1.17
C PHE A 522 -16.48 23.53 -0.04
N VAL A 523 -17.30 23.04 -0.96
CA VAL A 523 -16.79 22.46 -2.17
C VAL A 523 -17.68 22.95 -3.31
N GLU A 524 -17.09 23.15 -4.49
CA GLU A 524 -17.86 23.54 -5.68
C GLU A 524 -18.86 22.42 -5.97
N ARG A 525 -20.12 22.78 -6.22
CA ARG A 525 -21.21 21.81 -6.22
C ARG A 525 -21.00 20.58 -7.09
N SER A 526 -20.50 20.79 -8.31
CA SER A 526 -20.25 19.66 -9.21
C SER A 526 -19.20 18.70 -8.65
N ALA A 527 -18.45 19.12 -7.65
CA ALA A 527 -17.44 18.25 -7.08
C ALA A 527 -18.08 17.22 -6.15
N ALA A 528 -19.30 17.53 -5.70
CA ALA A 528 -20.04 16.60 -4.86
C ALA A 528 -21.08 15.82 -5.66
N ASP A 529 -20.97 15.90 -7.00
CA ASP A 529 -21.87 15.23 -7.95
C ASP A 529 -21.97 13.71 -7.80
N SER A 530 -20.91 13.08 -7.32
CA SER A 530 -20.98 11.66 -6.93
C SER A 530 -21.15 10.67 -8.07
N ALA A 531 -21.97 11.01 -9.06
CA ALA A 531 -21.96 10.27 -10.32
C ALA A 531 -20.77 10.75 -11.13
N ALA A 532 -20.60 12.09 -11.18
CA ALA A 532 -19.49 12.69 -11.89
C ALA A 532 -18.16 12.41 -11.19
N PHE A 533 -18.19 12.42 -9.86
CA PHE A 533 -17.01 12.08 -9.08
C PHE A 533 -17.29 11.05 -7.97
N PRO A 534 -17.28 9.76 -8.35
CA PRO A 534 -17.48 8.60 -7.47
C PRO A 534 -16.28 8.43 -6.54
N PRO A 535 -16.42 7.61 -5.50
CA PRO A 535 -15.47 7.56 -4.39
C PRO A 535 -13.99 7.27 -4.60
N GLN A 536 -13.45 7.12 -5.80
CA GLN A 536 -11.98 7.37 -5.87
C GLN A 536 -11.49 8.03 -7.16
N SER A 537 -12.36 8.87 -7.71
CA SER A 537 -12.04 9.76 -8.82
C SER A 537 -11.05 10.85 -8.38
N SER A 538 -10.52 11.58 -9.34
CA SER A 538 -9.51 12.59 -9.06
C SER A 538 -10.00 14.03 -9.22
N LEU A 539 -10.02 14.74 -8.09
CA LEU A 539 -10.27 16.17 -8.12
C LEU A 539 -8.96 16.89 -7.85
N GLN A 540 -8.74 18.00 -8.55
CA GLN A 540 -7.70 18.93 -8.16
C GLN A 540 -8.39 20.16 -7.63
N PHE A 541 -8.36 20.31 -6.30
CA PHE A 541 -8.92 21.47 -5.66
C PHE A 541 -7.87 22.56 -5.81
N GLU A 542 -8.22 23.60 -6.55
CA GLU A 542 -7.24 24.55 -7.02
C GLU A 542 -6.51 25.26 -5.90
N ARG A 543 -5.20 25.39 -6.07
CA ARG A 543 -4.31 25.99 -5.10
C ARG A 543 -4.47 25.38 -3.70
N LEU A 544 -5.00 24.16 -3.65
CA LEU A 544 -5.18 23.45 -2.37
C LEU A 544 -4.55 22.06 -2.32
N GLY A 545 -4.64 21.30 -3.41
CA GLY A 545 -4.09 19.94 -3.46
C GLY A 545 -4.88 18.94 -4.30
N PHE A 546 -4.35 17.73 -4.43
CA PHE A 546 -5.08 16.64 -5.08
C PHE A 546 -5.92 15.84 -4.08
N PHE A 547 -7.23 15.81 -4.35
CA PHE A 547 -8.24 15.26 -3.46
C PHE A 547 -9.09 14.19 -4.15
N THR A 548 -9.55 13.21 -3.40
CA THR A 548 -10.54 12.25 -3.90
C THR A 548 -11.71 12.22 -2.93
N PRO A 549 -12.93 12.01 -3.44
CA PRO A 549 -14.05 11.86 -2.51
C PRO A 549 -13.93 10.54 -1.74
N ASP A 550 -14.14 10.56 -0.43
CA ASP A 550 -13.89 9.40 0.44
C ASP A 550 -14.86 8.26 0.24
N GLY A 551 -14.35 7.04 0.37
CA GLY A 551 -15.15 5.85 0.09
C GLY A 551 -14.84 4.78 1.10
N SER A 552 -14.75 3.54 0.66
CA SER A 552 -14.25 2.50 1.54
C SER A 552 -13.77 1.33 0.70
N THR A 553 -12.75 0.65 1.18
CA THR A 553 -12.05 -0.35 0.40
C THR A 553 -12.02 -1.71 1.17
N LEU A 554 -13.19 -2.36 1.21
CA LEU A 554 -13.47 -3.54 2.04
C LEU A 554 -12.83 -4.86 1.59
N THR A 565 -25.63 13.02 5.60
CA THR A 565 -24.19 13.01 5.81
C THR A 565 -23.49 14.02 4.90
N LEU A 566 -22.59 14.80 5.48
CA LEU A 566 -21.66 15.65 4.74
C LEU A 566 -20.89 14.83 3.70
N PRO A 567 -20.66 15.39 2.50
CA PRO A 567 -19.75 14.74 1.56
C PRO A 567 -18.28 14.94 1.98
N VAL A 568 -17.50 13.86 1.93
CA VAL A 568 -16.15 13.87 2.45
C VAL A 568 -15.08 13.72 1.37
N PHE A 569 -14.02 14.50 1.51
CA PHE A 569 -12.90 14.46 0.59
C PHE A 569 -11.55 14.28 1.33
N ASN A 570 -10.71 13.42 0.77
CA ASN A 570 -9.38 13.13 1.32
C ASN A 570 -8.32 13.82 0.53
N LEU A 571 -7.32 14.34 1.22
CA LEU A 571 -6.16 14.85 0.51
C LEU A 571 -5.35 13.65 0.04
N THR A 572 -5.30 13.42 -1.26
CA THR A 572 -4.47 12.32 -1.74
C THR A 572 -3.01 12.75 -1.82
N VAL A 573 -2.72 14.00 -2.18
CA VAL A 573 -1.33 14.49 -2.19
C VAL A 573 -1.22 15.99 -2.50
N ALA A 574 -0.23 16.65 -1.90
CA ALA A 574 -0.07 18.10 -2.01
C ALA A 574 0.34 18.62 -3.39
N LEU A 575 0.43 19.95 -3.49
CA LEU A 575 0.74 20.71 -4.72
C LEU A 575 -0.46 20.68 -5.69
S SO4 B . 7.10 -48.17 5.51
O1 SO4 B . 7.48 -47.48 6.73
O2 SO4 B . 5.78 -48.79 5.68
O3 SO4 B . 7.01 -47.23 4.38
O4 SO4 B . 8.12 -49.17 5.22
S SO4 C . -14.34 19.35 -16.45
O1 SO4 C . -15.19 18.93 -15.35
O2 SO4 C . -14.08 18.18 -17.28
O3 SO4 C . -15.04 20.36 -17.26
O4 SO4 C . -13.07 19.91 -15.95
#